data_8DY0
#
_entry.id   8DY0
#
_cell.length_a   37.940
_cell.length_b   50.740
_cell.length_c   63.200
_cell.angle_alpha   76.350
_cell.angle_beta   89.200
_cell.angle_gamma   69.160
#
_symmetry.space_group_name_H-M   'P 1'
#
loop_
_entity.id
_entity.type
_entity.pdbx_description
1 polymer 'spFv GLK1 HL'
2 water water
#
_entity_poly.entity_id   1
_entity_poly.type   'polypeptide(L)'
_entity_poly.pdbx_seq_one_letter_code
;EVQLLESGGGLVQPGGSLRLSCAASGFTFSSYAMSWVRQAPGCGLEWVSAISGSGGSTYYADSVKGRFTISRDNSKNTLY
LQMNSLRAEDTAVYYCAKYDGIYGELDFWGQGTLVTVSSGGGSGGSGGCPPCGGSGGDIQMTQSPSSLSASVGDRVTITC
RASQSISSYLNWYQQKPGKAPKLLIYAASSLQSGVPSRFSGSGSGTDFTLTISSLQPEDFATYYCQQSYSTPLTFGCGTK
VEIKRGHHHHHH
;
_entity_poly.pdbx_strand_id   A,B
#
# COMPACT_ATOMS: atom_id res chain seq x y z
N GLU A 1 29.95 -25.51 -1.89
CA GLU A 1 29.22 -24.26 -1.76
C GLU A 1 27.90 -24.29 -2.54
N VAL A 2 26.81 -23.98 -1.85
CA VAL A 2 25.58 -23.64 -2.55
C VAL A 2 25.80 -22.34 -3.31
N GLN A 3 25.38 -22.31 -4.57
CA GLN A 3 25.53 -21.11 -5.38
C GLN A 3 24.22 -20.85 -6.10
N LEU A 4 23.79 -19.60 -6.07
CA LEU A 4 22.64 -19.14 -6.84
C LEU A 4 23.07 -17.85 -7.54
N LEU A 5 22.97 -17.84 -8.87
CA LEU A 5 23.47 -16.73 -9.67
C LEU A 5 22.35 -16.25 -10.59
N GLU A 6 21.85 -15.04 -10.34
CA GLU A 6 20.80 -14.42 -11.14
C GLU A 6 21.37 -13.73 -12.39
N SER A 7 20.52 -13.61 -13.41
CA SER A 7 20.85 -12.87 -14.63
C SER A 7 19.59 -12.29 -15.22
N GLY A 8 19.74 -11.17 -15.94
CA GLY A 8 18.66 -10.66 -16.75
C GLY A 8 18.14 -9.28 -16.39
N GLY A 9 18.60 -8.66 -15.31
CA GLY A 9 18.13 -7.31 -15.05
C GLY A 9 18.51 -6.30 -16.13
N GLY A 10 18.11 -5.05 -15.95
CA GLY A 10 18.46 -3.98 -16.85
C GLY A 10 17.31 -3.01 -16.98
N LEU A 11 17.42 -2.10 -17.93
CA LEU A 11 16.38 -1.08 -18.17
C LEU A 11 15.32 -1.62 -19.11
N VAL A 12 14.06 -1.43 -18.74
CA VAL A 12 12.94 -1.91 -19.54
C VAL A 12 11.87 -0.84 -19.55
N GLN A 13 11.15 -0.76 -20.62
CA GLN A 13 10.12 0.24 -20.78
C GLN A 13 8.80 -0.28 -20.21
N PRO A 14 8.00 0.60 -19.62
CA PRO A 14 6.69 0.16 -19.11
C PRO A 14 5.90 -0.52 -20.21
N GLY A 15 5.31 -1.66 -19.88
CA GLY A 15 4.63 -2.48 -20.85
C GLY A 15 5.52 -3.53 -21.50
N GLY A 16 6.83 -3.44 -21.32
CA GLY A 16 7.75 -4.40 -21.89
C GLY A 16 7.86 -5.67 -21.07
N SER A 17 8.76 -6.55 -21.54
CA SER A 17 8.94 -7.88 -20.98
C SER A 17 10.39 -8.10 -20.58
N LEU A 18 10.57 -8.95 -19.55
CA LEU A 18 11.88 -9.37 -19.09
C LEU A 18 11.82 -10.82 -18.63
N ARG A 19 12.91 -11.56 -18.82
CA ARG A 19 12.98 -12.94 -18.34
C ARG A 19 14.21 -13.12 -17.47
N LEU A 20 14.02 -13.24 -16.16
CA LEU A 20 15.15 -13.49 -15.27
C LEU A 20 15.45 -14.98 -15.20
N SER A 21 16.72 -15.29 -14.96
CA SER A 21 17.13 -16.67 -14.72
C SER A 21 18.01 -16.74 -13.49
N CYS A 22 18.07 -17.92 -12.89
CA CYS A 22 18.88 -18.14 -11.71
C CYS A 22 19.49 -19.52 -11.85
N ALA A 23 20.81 -19.58 -11.94
CA ALA A 23 21.53 -20.83 -12.14
C ALA A 23 21.94 -21.39 -10.79
N ALA A 24 21.50 -22.60 -10.48
CA ALA A 24 21.76 -23.20 -9.18
C ALA A 24 22.91 -24.20 -9.27
N SER A 25 23.68 -24.29 -8.20
CA SER A 25 24.68 -25.34 -8.13
C SER A 25 25.00 -25.65 -6.67
N GLY A 26 25.51 -26.86 -6.45
CA GLY A 26 26.00 -27.28 -5.14
C GLY A 26 24.96 -27.90 -4.24
N PHE A 27 23.82 -28.31 -4.80
CA PHE A 27 22.76 -29.00 -4.07
C PHE A 27 21.85 -29.60 -5.12
N THR A 28 21.05 -30.57 -4.70
CA THR A 28 20.17 -31.28 -5.61
C THR A 28 18.99 -30.38 -5.91
N PHE A 29 18.99 -29.78 -7.11
CA PHE A 29 18.05 -28.71 -7.43
C PHE A 29 16.60 -29.18 -7.27
N SER A 30 16.26 -30.33 -7.85
CA SER A 30 14.87 -30.77 -7.86
C SER A 30 14.34 -31.16 -6.48
N SER A 31 15.18 -31.15 -5.45
CA SER A 31 14.74 -31.48 -4.09
C SER A 31 14.28 -30.27 -3.28
N TYR A 32 14.14 -29.10 -3.91
CA TYR A 32 13.79 -27.88 -3.18
C TYR A 32 12.87 -27.01 -4.00
N ALA A 33 11.85 -26.48 -3.33
CA ALA A 33 11.11 -25.36 -3.88
C ALA A 33 12.02 -24.12 -3.92
N MET A 34 11.68 -23.20 -4.81
CA MET A 34 12.44 -21.96 -4.95
C MET A 34 11.49 -20.77 -4.92
N SER A 35 12.00 -19.61 -4.48
CA SER A 35 11.24 -18.39 -4.42
C SER A 35 11.96 -17.26 -5.15
N TRP A 36 11.18 -16.31 -5.68
CA TRP A 36 11.69 -15.01 -6.07
C TRP A 36 11.22 -13.99 -5.05
N VAL A 37 12.13 -13.13 -4.62
CA VAL A 37 11.88 -12.07 -3.66
C VAL A 37 12.50 -10.79 -4.20
N ARG A 38 11.78 -9.68 -4.14
CA ARG A 38 12.30 -8.43 -4.67
C ARG A 38 12.35 -7.35 -3.59
N GLN A 39 13.17 -6.33 -3.83
CA GLN A 39 13.34 -5.22 -2.90
C GLN A 39 13.49 -3.94 -3.71
N ALA A 40 12.44 -3.13 -3.74
CA ALA A 40 12.49 -1.86 -4.43
C ALA A 40 13.54 -0.96 -3.77
N PRO A 41 14.09 0.02 -4.52
CA PRO A 41 15.16 0.88 -3.97
C PRO A 41 14.85 1.46 -2.60
N GLY A 42 15.73 1.21 -1.63
CA GLY A 42 15.56 1.71 -0.26
C GLY A 42 14.33 1.21 0.47
N CYS A 43 13.75 0.09 0.06
CA CYS A 43 12.54 -0.43 0.67
C CYS A 43 12.83 -1.79 1.30
N GLY A 44 11.77 -2.44 1.78
CA GLY A 44 11.90 -3.74 2.39
C GLY A 44 11.71 -4.88 1.41
N LEU A 45 11.70 -6.09 1.96
CA LEU A 45 11.59 -7.30 1.16
C LEU A 45 10.14 -7.60 0.86
N GLU A 46 9.86 -7.97 -0.39
CA GLU A 46 8.51 -8.34 -0.81
C GLU A 46 8.60 -9.65 -1.57
N TRP A 47 7.88 -10.66 -1.07
CA TRP A 47 7.84 -11.96 -1.74
C TRP A 47 7.07 -11.85 -3.05
N VAL A 48 7.60 -12.44 -4.12
CA VAL A 48 7.04 -12.32 -5.47
C VAL A 48 6.35 -13.60 -5.89
N SER A 49 7.05 -14.73 -5.82
CA SER A 49 6.55 -15.97 -6.41
C SER A 49 7.31 -17.17 -5.86
N ALA A 50 6.68 -18.34 -5.92
CA ALA A 50 7.32 -19.59 -5.51
C ALA A 50 6.96 -20.71 -6.48
N ILE A 51 7.86 -21.69 -6.60
CA ILE A 51 7.58 -22.86 -7.41
C ILE A 51 8.03 -24.12 -6.67
N SER A 52 7.21 -25.17 -6.72
CA SER A 52 7.50 -26.45 -6.07
C SER A 52 8.72 -27.11 -6.71
N GLY A 53 9.30 -28.08 -5.98
CA GLY A 53 10.49 -28.76 -6.48
C GLY A 53 10.27 -29.43 -7.83
N SER A 54 9.06 -29.94 -8.07
CA SER A 54 8.76 -30.58 -9.35
C SER A 54 8.41 -29.57 -10.42
N GLY A 55 7.96 -28.37 -10.03
CA GLY A 55 7.46 -27.38 -10.96
C GLY A 55 5.97 -27.44 -11.15
N GLY A 56 5.31 -28.43 -10.53
CA GLY A 56 3.87 -28.62 -10.69
C GLY A 56 3.00 -27.62 -9.96
N SER A 57 3.53 -26.95 -8.92
CA SER A 57 2.76 -25.97 -8.18
C SER A 57 3.46 -24.63 -8.24
N THR A 58 2.70 -23.56 -8.49
CA THR A 58 3.25 -22.22 -8.57
C THR A 58 2.39 -21.28 -7.75
N TYR A 59 3.03 -20.27 -7.17
CA TYR A 59 2.33 -19.29 -6.34
C TYR A 59 2.84 -17.90 -6.66
N TYR A 60 1.94 -16.92 -6.55
CA TYR A 60 2.26 -15.56 -6.94
C TYR A 60 1.64 -14.58 -5.97
N ALA A 61 2.36 -13.51 -5.68
CA ALA A 61 1.71 -12.36 -5.06
C ALA A 61 0.68 -11.77 -6.02
N ASP A 62 -0.41 -11.24 -5.43
CA ASP A 62 -1.55 -10.80 -6.25
C ASP A 62 -1.19 -9.69 -7.22
N SER A 63 -0.16 -8.89 -6.91
CA SER A 63 0.18 -7.77 -7.79
C SER A 63 0.88 -8.21 -9.07
N VAL A 64 1.36 -9.46 -9.14
CA VAL A 64 2.04 -9.95 -10.33
C VAL A 64 1.33 -11.14 -10.95
N LYS A 65 0.17 -11.54 -10.41
CA LYS A 65 -0.60 -12.61 -11.01
C LYS A 65 -0.95 -12.27 -12.45
N GLY A 66 -0.85 -13.26 -13.34
CA GLY A 66 -1.20 -13.08 -14.72
C GLY A 66 -0.17 -12.33 -15.56
N ARG A 67 0.72 -11.57 -14.93
CA ARG A 67 1.81 -10.93 -15.66
C ARG A 67 3.11 -11.72 -15.56
N PHE A 68 3.38 -12.32 -14.40
CA PHE A 68 4.61 -13.05 -14.16
C PHE A 68 4.34 -14.53 -14.24
N THR A 69 5.35 -15.27 -14.71
CA THR A 69 5.30 -16.73 -14.75
C THR A 69 6.60 -17.25 -14.16
N ILE A 70 6.51 -17.99 -13.10
CA ILE A 70 7.69 -18.64 -12.55
C ILE A 70 7.74 -20.02 -13.16
N SER A 71 8.95 -20.49 -13.46
CA SER A 71 9.14 -21.83 -13.96
C SER A 71 10.56 -22.27 -13.60
N ARG A 72 10.83 -23.56 -13.82
CA ARG A 72 12.13 -24.14 -13.56
C ARG A 72 12.40 -25.24 -14.56
N ASP A 73 13.68 -25.47 -14.81
CA ASP A 73 14.15 -26.56 -15.67
C ASP A 73 15.03 -27.43 -14.78
N ASN A 74 14.48 -28.52 -14.29
CA ASN A 74 15.26 -29.37 -13.40
C ASN A 74 16.40 -30.08 -14.12
N SER A 75 16.31 -30.29 -15.44
CA SER A 75 17.44 -30.91 -16.13
C SER A 75 18.59 -29.92 -16.27
N LYS A 76 18.29 -28.63 -16.38
CA LYS A 76 19.30 -27.60 -16.51
C LYS A 76 19.62 -26.90 -15.20
N ASN A 77 18.94 -27.24 -14.11
CA ASN A 77 19.22 -26.62 -12.81
C ASN A 77 19.08 -25.10 -12.90
N THR A 78 17.98 -24.65 -13.49
CA THR A 78 17.75 -23.24 -13.73
C THR A 78 16.33 -22.89 -13.33
N LEU A 79 16.19 -21.72 -12.71
CA LEU A 79 14.92 -21.12 -12.31
C LEU A 79 14.68 -19.88 -13.14
N TYR A 80 13.43 -19.66 -13.57
CA TYR A 80 13.07 -18.53 -14.41
C TYR A 80 11.95 -17.70 -13.80
N LEU A 81 11.97 -16.41 -14.11
CA LEU A 81 10.84 -15.51 -13.89
C LEU A 81 10.59 -14.73 -15.17
N GLN A 82 9.50 -15.07 -15.85
CA GLN A 82 9.05 -14.33 -17.03
C GLN A 82 8.16 -13.20 -16.56
N MET A 83 8.52 -11.95 -16.89
CA MET A 83 7.80 -10.77 -16.42
C MET A 83 7.27 -9.99 -17.62
N ASN A 84 5.96 -10.00 -17.82
CA ASN A 84 5.31 -9.22 -18.87
C ASN A 84 4.59 -8.02 -18.28
N SER A 85 4.24 -7.09 -19.19
CA SER A 85 3.50 -5.87 -18.87
C SER A 85 4.08 -5.16 -17.65
N LEU A 86 5.39 -4.97 -17.67
CA LEU A 86 6.08 -4.41 -16.52
C LEU A 86 5.62 -2.98 -16.24
N ARG A 87 5.57 -2.64 -14.95
CA ARG A 87 5.14 -1.34 -14.45
C ARG A 87 6.29 -0.68 -13.71
N ALA A 88 6.23 0.65 -13.63
CA ALA A 88 7.26 1.35 -12.85
C ALA A 88 7.37 0.75 -11.45
N GLU A 89 6.23 0.36 -10.86
CA GLU A 89 6.31 -0.16 -9.50
C GLU A 89 6.96 -1.52 -9.42
N ASP A 90 7.33 -2.15 -10.54
CA ASP A 90 8.10 -3.39 -10.51
C ASP A 90 9.59 -3.14 -10.39
N THR A 91 10.03 -1.89 -10.40
CA THR A 91 11.44 -1.58 -10.25
C THR A 91 11.94 -2.09 -8.91
N ALA A 92 13.01 -2.88 -8.94
CA ALA A 92 13.48 -3.56 -7.74
C ALA A 92 14.73 -4.38 -8.08
N VAL A 93 15.42 -4.80 -7.03
CA VAL A 93 16.39 -5.87 -7.13
C VAL A 93 15.63 -7.17 -6.90
N TYR A 94 15.88 -8.17 -7.75
CA TYR A 94 15.19 -9.46 -7.68
C TYR A 94 16.17 -10.54 -7.23
N TYR A 95 15.80 -11.27 -6.17
CA TYR A 95 16.60 -12.35 -5.62
C TYR A 95 15.87 -13.67 -5.81
N CYS A 96 16.60 -14.70 -6.22
CA CYS A 96 16.11 -16.07 -6.13
C CYS A 96 16.62 -16.67 -4.84
N ALA A 97 15.81 -17.54 -4.22
CA ALA A 97 16.16 -18.12 -2.94
C ALA A 97 15.68 -19.55 -2.87
N LYS A 98 16.49 -20.41 -2.24
CA LYS A 98 16.14 -21.79 -1.99
C LYS A 98 15.25 -21.92 -0.76
N TYR A 99 14.18 -22.69 -0.89
CA TYR A 99 13.17 -22.86 0.15
C TYR A 99 13.29 -24.26 0.73
N ASP A 100 13.28 -24.37 2.06
CA ASP A 100 13.39 -25.63 2.75
C ASP A 100 11.99 -26.16 3.10
N GLY A 101 11.73 -27.41 2.72
CA GLY A 101 10.39 -27.99 2.76
C GLY A 101 9.83 -28.23 4.15
N ILE A 102 10.67 -28.32 5.17
CA ILE A 102 10.18 -28.65 6.52
C ILE A 102 9.68 -27.39 7.22
N TYR A 103 10.54 -26.38 7.33
CA TYR A 103 10.22 -25.18 8.07
C TYR A 103 9.96 -23.96 7.21
N GLY A 104 10.30 -24.01 5.94
CA GLY A 104 9.93 -22.96 5.02
C GLY A 104 10.86 -21.76 4.99
N GLU A 105 12.01 -21.84 5.63
CA GLU A 105 12.95 -20.72 5.62
C GLU A 105 13.63 -20.63 4.25
N LEU A 106 14.03 -19.42 3.89
CA LEU A 106 14.82 -19.23 2.67
C LEU A 106 16.27 -19.26 3.10
N ASP A 107 16.91 -20.42 3.02
CA ASP A 107 18.22 -20.56 3.65
C ASP A 107 19.40 -20.12 2.78
N PHE A 108 19.22 -20.01 1.46
CA PHE A 108 20.29 -19.50 0.61
C PHE A 108 19.73 -18.56 -0.44
N TRP A 109 20.37 -17.42 -0.62
CA TRP A 109 19.92 -16.39 -1.55
C TRP A 109 20.98 -16.14 -2.60
N GLY A 110 20.53 -15.80 -3.80
CA GLY A 110 21.44 -15.30 -4.81
C GLY A 110 21.85 -13.89 -4.43
N GLN A 111 22.56 -13.25 -5.35
CA GLN A 111 23.06 -11.92 -5.07
C GLN A 111 22.20 -10.82 -5.67
N GLY A 112 21.15 -11.18 -6.40
CA GLY A 112 20.20 -10.18 -6.88
C GLY A 112 20.59 -9.59 -8.22
N THR A 113 19.57 -9.24 -8.99
CA THR A 113 19.77 -8.50 -10.22
C THR A 113 18.77 -7.33 -10.28
N LEU A 114 19.23 -6.17 -10.76
CA LEU A 114 18.41 -4.96 -10.73
C LEU A 114 17.57 -4.82 -11.97
N VAL A 115 16.26 -4.63 -11.77
CA VAL A 115 15.31 -4.37 -12.85
C VAL A 115 14.81 -2.94 -12.71
N THR A 116 15.05 -2.12 -13.73
CA THR A 116 14.63 -0.72 -13.75
C THR A 116 13.55 -0.56 -14.81
N VAL A 117 12.32 -0.29 -14.40
CA VAL A 117 11.21 -0.08 -15.32
C VAL A 117 10.99 1.43 -15.41
N SER A 118 11.39 2.04 -16.52
CA SER A 118 11.36 3.50 -16.60
C SER A 118 11.29 3.95 -18.05
N SER A 119 10.54 5.02 -18.28
CA SER A 119 10.49 5.67 -19.58
C SER A 119 11.06 7.08 -19.53
N GLY A 120 11.70 7.45 -18.42
CA GLY A 120 12.32 8.75 -18.29
C GLY A 120 11.39 9.87 -17.88
N GLY A 121 10.13 9.59 -17.59
CA GLY A 121 9.20 10.65 -17.27
C GLY A 121 9.04 10.86 -15.78
N GLY A 122 10.09 10.63 -15.03
CA GLY A 122 10.00 10.83 -13.60
C GLY A 122 9.89 9.53 -12.84
N SER A 123 10.44 9.53 -11.62
CA SER A 123 10.49 8.34 -10.80
C SER A 123 9.29 8.19 -9.90
N GLY A 124 8.30 9.08 -10.03
CA GLY A 124 7.15 8.99 -9.15
C GLY A 124 6.21 7.86 -9.49
N GLY A 125 6.21 7.43 -10.76
CA GLY A 125 5.33 6.34 -11.17
C GLY A 125 5.58 5.05 -10.40
N SER A 126 6.80 4.86 -9.89
CA SER A 126 7.11 3.65 -9.13
C SER A 126 6.31 3.56 -7.84
N GLY A 127 5.67 4.66 -7.43
CA GLY A 127 4.91 4.67 -6.20
C GLY A 127 5.71 4.63 -4.92
N GLY A 128 7.04 4.82 -4.99
CA GLY A 128 7.77 4.77 -3.74
C GLY A 128 7.85 3.34 -3.23
N CYS A 129 7.97 3.20 -1.92
CA CYS A 129 7.93 1.87 -1.33
C CYS A 129 6.51 1.32 -1.30
N PRO A 130 6.33 0.03 -1.57
CA PRO A 130 5.02 -0.62 -1.38
C PRO A 130 4.65 -0.73 0.09
N PRO A 131 3.37 -1.08 0.39
CA PRO A 131 3.02 -1.41 1.78
C PRO A 131 3.76 -2.65 2.26
N CYS A 132 4.67 -2.47 3.20
CA CYS A 132 5.38 -3.58 3.81
C CYS A 132 4.52 -4.27 4.87
N GLY A 133 4.87 -5.52 5.16
CA GLY A 133 4.17 -6.30 6.16
C GLY A 133 2.97 -7.05 5.65
N GLY A 134 2.68 -7.00 4.35
CA GLY A 134 1.59 -7.76 3.78
C GLY A 134 0.45 -6.94 3.20
N SER A 135 -0.34 -7.57 2.32
CA SER A 135 -1.47 -6.93 1.65
C SER A 135 -2.76 -7.75 1.84
N GLY A 136 -3.78 -7.41 1.07
CA GLY A 136 -5.07 -8.07 1.11
C GLY A 136 -5.06 -9.58 1.24
N GLY A 137 -5.66 -10.07 2.32
CA GLY A 137 -5.73 -11.50 2.59
C GLY A 137 -4.44 -12.12 3.10
N ASP A 138 -3.34 -11.38 3.16
CA ASP A 138 -2.09 -11.95 3.62
C ASP A 138 -2.06 -12.02 5.14
N ILE A 139 -1.24 -12.93 5.66
CA ILE A 139 -0.85 -12.82 7.05
C ILE A 139 -0.04 -11.54 7.22
N GLN A 140 -0.51 -10.64 8.07
CA GLN A 140 0.17 -9.37 8.34
C GLN A 140 1.28 -9.57 9.37
N MET A 141 2.45 -9.02 9.09
CA MET A 141 3.60 -9.09 9.99
C MET A 141 3.91 -7.68 10.48
N THR A 142 3.76 -7.45 11.78
CA THR A 142 4.05 -6.16 12.39
C THR A 142 5.36 -6.26 13.16
N GLN A 143 6.36 -5.52 12.70
CA GLN A 143 7.69 -5.59 13.25
C GLN A 143 7.94 -4.32 14.05
N SER A 144 8.53 -4.47 15.24
CA SER A 144 8.70 -3.33 16.14
C SER A 144 10.01 -3.43 16.93
N PRO A 145 10.72 -2.30 17.13
CA PRO A 145 10.40 -0.98 16.57
C PRO A 145 10.88 -0.86 15.14
N SER A 146 10.50 0.20 14.43
CA SER A 146 10.98 0.35 13.06
C SER A 146 12.47 0.69 13.03
N SER A 147 12.93 1.47 13.99
CA SER A 147 14.35 1.73 14.12
C SER A 147 14.68 1.93 15.59
N LEU A 148 15.95 1.68 15.92
CA LEU A 148 16.41 1.82 17.29
C LEU A 148 17.88 2.21 17.24
N SER A 149 18.31 2.96 18.24
CA SER A 149 19.72 3.34 18.38
C SER A 149 20.31 2.62 19.57
N ALA A 150 21.44 1.94 19.36
CA ALA A 150 22.13 1.24 20.44
C ALA A 150 23.64 1.29 20.18
N SER A 151 24.40 0.80 21.16
CA SER A 151 25.85 0.82 21.10
C SER A 151 26.41 -0.58 21.27
N VAL A 152 27.70 -0.71 20.91
CA VAL A 152 28.41 -1.97 21.02
C VAL A 152 28.31 -2.50 22.45
N GLY A 153 27.98 -3.79 22.57
CA GLY A 153 27.89 -4.41 23.87
C GLY A 153 26.49 -4.50 24.44
N ASP A 154 25.53 -3.75 23.88
CA ASP A 154 24.18 -3.77 24.42
C ASP A 154 23.45 -5.05 24.01
N ARG A 155 22.46 -5.43 24.82
CA ARG A 155 21.51 -6.48 24.47
C ARG A 155 20.31 -5.79 23.85
N VAL A 156 19.93 -6.18 22.63
CA VAL A 156 18.79 -5.60 21.95
C VAL A 156 17.84 -6.71 21.54
N THR A 157 16.54 -6.44 21.69
CA THR A 157 15.49 -7.38 21.34
C THR A 157 14.53 -6.70 20.38
N ILE A 158 14.24 -7.40 19.28
CA ILE A 158 13.33 -6.97 18.22
C ILE A 158 12.10 -7.86 18.32
N THR A 159 10.93 -7.30 18.06
CA THR A 159 9.74 -8.12 18.14
C THR A 159 9.02 -8.12 16.81
N CYS A 160 8.16 -9.13 16.65
CA CYS A 160 7.50 -9.39 15.39
C CYS A 160 6.17 -10.04 15.77
N ARG A 161 5.08 -9.51 15.22
CA ARG A 161 3.74 -10.01 15.53
C ARG A 161 3.01 -10.36 14.26
N ALA A 162 2.51 -11.58 14.19
CA ALA A 162 1.69 -12.04 13.07
C ALA A 162 0.22 -11.84 13.40
N SER A 163 -0.58 -11.61 12.34
CA SER A 163 -2.01 -11.37 12.50
C SER A 163 -2.80 -12.64 12.79
N GLN A 164 -2.15 -13.80 12.76
CA GLN A 164 -2.78 -15.06 13.11
C GLN A 164 -1.71 -15.95 13.74
N SER A 165 -2.13 -17.07 14.33
CA SER A 165 -1.15 -18.01 14.83
C SER A 165 -0.43 -18.67 13.66
N ILE A 166 0.90 -18.72 13.75
CA ILE A 166 1.75 -19.35 12.74
C ILE A 166 2.65 -20.43 13.33
N SER A 167 2.29 -20.94 14.51
CA SER A 167 3.09 -21.92 15.26
C SER A 167 4.51 -21.36 15.33
N SER A 168 5.52 -22.10 14.92
CA SER A 168 6.89 -21.60 14.98
C SER A 168 7.49 -21.33 13.61
N TYR A 169 6.66 -21.25 12.56
CA TYR A 169 7.15 -21.02 11.20
C TYR A 169 7.44 -19.53 10.99
N LEU A 170 8.49 -19.08 11.67
CA LEU A 170 8.88 -17.68 11.64
C LEU A 170 10.39 -17.63 11.46
N ASN A 171 10.85 -16.83 10.52
CA ASN A 171 12.28 -16.74 10.22
C ASN A 171 12.75 -15.30 10.40
N TRP A 172 14.03 -15.16 10.75
CA TRP A 172 14.69 -13.86 10.87
C TRP A 172 15.87 -13.80 9.91
N TYR A 173 16.01 -12.65 9.23
CA TYR A 173 17.10 -12.39 8.30
C TYR A 173 17.82 -11.10 8.68
N GLN A 174 19.12 -11.06 8.38
CA GLN A 174 19.92 -9.85 8.47
C GLN A 174 20.21 -9.33 7.07
N GLN A 175 20.12 -8.02 6.86
CA GLN A 175 20.53 -7.44 5.58
C GLN A 175 21.43 -6.25 5.83
N LYS A 176 22.63 -6.31 5.31
CA LYS A 176 23.54 -5.18 5.33
C LYS A 176 23.41 -4.34 4.06
N PRO A 177 23.76 -3.05 4.11
CA PRO A 177 23.53 -2.18 2.95
C PRO A 177 24.21 -2.70 1.69
N GLY A 178 23.44 -2.76 0.61
CA GLY A 178 23.96 -3.24 -0.66
C GLY A 178 24.17 -4.73 -0.77
N LYS A 179 23.73 -5.51 0.22
CA LYS A 179 23.95 -6.94 0.24
C LYS A 179 22.63 -7.69 0.21
N ALA A 180 22.69 -8.95 -0.21
CA ALA A 180 21.52 -9.80 -0.16
C ALA A 180 21.24 -10.22 1.28
N PRO A 181 19.97 -10.46 1.62
CA PRO A 181 19.65 -10.95 2.95
C PRO A 181 20.32 -12.28 3.24
N LYS A 182 20.42 -12.58 4.53
CA LYS A 182 21.08 -13.78 5.01
C LYS A 182 20.21 -14.35 6.14
N LEU A 183 19.91 -15.64 6.07
CA LEU A 183 19.11 -16.29 7.09
C LEU A 183 19.86 -16.39 8.41
N LEU A 184 19.23 -15.92 9.47
CA LEU A 184 19.75 -16.04 10.82
C LEU A 184 19.07 -17.14 11.62
N ILE A 185 17.75 -17.11 11.70
CA ILE A 185 16.97 -17.98 12.57
C ILE A 185 15.82 -18.57 11.77
N TYR A 186 15.59 -19.86 11.90
CA TYR A 186 14.42 -20.47 11.33
C TYR A 186 13.71 -21.24 12.42
N ALA A 187 12.43 -21.55 12.16
CA ALA A 187 11.60 -22.28 13.12
C ALA A 187 11.57 -21.56 14.47
N ALA A 188 11.51 -20.23 14.41
CA ALA A 188 11.37 -19.35 15.57
C ALA A 188 12.64 -19.28 16.43
N SER A 189 13.34 -20.41 16.62
CA SER A 189 14.46 -20.43 17.56
C SER A 189 15.70 -21.20 17.10
N SER A 190 15.69 -21.86 15.95
CA SER A 190 16.86 -22.63 15.53
C SER A 190 17.86 -21.74 14.81
N LEU A 191 19.12 -21.80 15.23
CA LEU A 191 20.17 -21.05 14.54
C LEU A 191 20.57 -21.74 13.25
N GLN A 192 20.69 -20.95 12.19
CA GLN A 192 21.24 -21.45 10.95
C GLN A 192 22.74 -21.72 11.12
N SER A 193 23.22 -22.74 10.43
CA SER A 193 24.62 -23.11 10.48
C SER A 193 25.52 -21.92 10.17
N GLY A 194 26.52 -21.70 11.02
CA GLY A 194 27.43 -20.60 10.84
C GLY A 194 27.03 -19.30 11.51
N VAL A 195 25.83 -19.22 12.09
CA VAL A 195 25.36 -17.98 12.69
C VAL A 195 25.87 -17.86 14.11
N PRO A 196 26.45 -16.72 14.50
CA PRO A 196 27.03 -16.59 15.84
C PRO A 196 26.02 -16.87 16.95
N SER A 197 26.52 -17.38 18.08
CA SER A 197 25.64 -17.73 19.19
C SER A 197 25.08 -16.52 19.93
N ARG A 198 25.53 -15.29 19.61
CA ARG A 198 24.93 -14.13 20.27
C ARG A 198 23.53 -13.80 19.74
N PHE A 199 23.11 -14.43 18.64
CA PHE A 199 21.75 -14.33 18.13
C PHE A 199 20.87 -15.41 18.75
N SER A 200 19.66 -15.04 19.14
CA SER A 200 18.68 -16.02 19.58
C SER A 200 17.29 -15.50 19.24
N GLY A 201 16.36 -16.44 19.14
CA GLY A 201 14.97 -16.10 18.93
C GLY A 201 14.09 -16.96 19.79
N SER A 202 12.87 -16.50 20.01
CA SER A 202 11.90 -17.29 20.76
C SER A 202 10.49 -16.86 20.37
N GLY A 203 9.53 -17.71 20.76
CA GLY A 203 8.13 -17.40 20.59
C GLY A 203 7.35 -18.45 19.83
N SER A 204 6.04 -18.46 20.00
CA SER A 204 5.20 -19.27 19.13
C SER A 204 3.81 -18.66 19.15
N GLY A 205 3.05 -18.95 18.11
CA GLY A 205 1.73 -18.39 17.96
C GLY A 205 1.78 -17.09 17.19
N THR A 206 1.64 -15.95 17.87
CA THR A 206 1.60 -14.68 17.18
C THR A 206 2.77 -13.77 17.49
N ASP A 207 3.50 -14.01 18.58
CA ASP A 207 4.50 -13.06 19.08
C ASP A 207 5.86 -13.70 19.16
N PHE A 208 6.86 -13.02 18.62
CA PHE A 208 8.20 -13.56 18.45
C PHE A 208 9.22 -12.48 18.77
N THR A 209 10.39 -12.91 19.21
CA THR A 209 11.46 -11.98 19.56
C THR A 209 12.76 -12.46 18.95
N LEU A 210 13.57 -11.52 18.53
CA LEU A 210 14.94 -11.77 18.14
C LEU A 210 15.81 -10.99 19.10
N THR A 211 16.82 -11.64 19.66
CA THR A 211 17.71 -10.98 20.60
C THR A 211 19.15 -11.13 20.13
N ILE A 212 19.90 -10.04 20.20
CA ILE A 212 21.35 -10.05 20.08
C ILE A 212 21.92 -9.78 21.46
N SER A 213 22.52 -10.81 22.07
CA SER A 213 22.91 -10.73 23.48
C SER A 213 23.99 -9.67 23.69
N SER A 214 24.82 -9.42 22.67
CA SER A 214 25.84 -8.37 22.80
C SER A 214 26.09 -7.79 21.43
N LEU A 215 25.66 -6.56 21.22
CA LEU A 215 25.78 -5.93 19.90
C LEU A 215 27.25 -5.73 19.57
N GLN A 216 27.68 -6.31 18.46
CA GLN A 216 29.01 -6.10 17.93
C GLN A 216 28.94 -5.15 16.74
N PRO A 217 30.08 -4.56 16.33
CA PRO A 217 30.01 -3.54 15.27
C PRO A 217 29.41 -4.04 13.98
N GLU A 218 29.64 -5.31 13.61
CA GLU A 218 29.14 -5.84 12.35
C GLU A 218 27.64 -6.12 12.38
N ASP A 219 27.00 -6.01 13.53
CA ASP A 219 25.57 -6.33 13.67
C ASP A 219 24.67 -5.14 13.37
N PHE A 220 25.23 -3.94 13.17
CA PHE A 220 24.41 -2.81 12.77
C PHE A 220 23.97 -3.05 11.33
N ALA A 221 22.67 -3.24 11.15
CA ALA A 221 22.10 -3.72 9.89
C ALA A 221 20.58 -3.61 10.03
N THR A 222 19.85 -4.10 9.03
CA THR A 222 18.40 -4.22 9.10
C THR A 222 18.01 -5.68 9.25
N TYR A 223 17.04 -5.94 10.13
CA TYR A 223 16.59 -7.28 10.45
C TYR A 223 15.12 -7.41 10.05
N TYR A 224 14.79 -8.50 9.36
CA TYR A 224 13.43 -8.76 8.89
C TYR A 224 12.94 -10.09 9.47
N CYS A 225 11.70 -10.08 9.98
CA CYS A 225 11.06 -11.36 10.24
C CYS A 225 10.22 -11.76 9.03
N GLN A 226 9.87 -13.04 8.98
CA GLN A 226 9.15 -13.57 7.83
C GLN A 226 8.39 -14.82 8.27
N GLN A 227 7.09 -14.84 8.03
CA GLN A 227 6.31 -16.05 8.28
C GLN A 227 6.40 -16.95 7.05
N SER A 228 6.57 -18.23 7.30
CA SER A 228 6.56 -19.23 6.26
C SER A 228 5.46 -20.24 6.55
N TYR A 229 4.43 -19.79 7.28
CA TYR A 229 3.27 -20.64 7.50
C TYR A 229 2.48 -20.82 6.22
N SER A 230 2.23 -19.74 5.49
CA SER A 230 1.29 -19.79 4.38
C SER A 230 1.63 -18.75 3.32
N THR A 231 1.41 -19.15 2.07
CA THR A 231 1.59 -18.28 0.93
C THR A 231 0.49 -17.21 0.89
N PRO A 232 0.81 -15.95 0.54
CA PRO A 232 2.12 -15.33 0.24
C PRO A 232 3.02 -15.23 1.47
N LEU A 233 4.31 -15.53 1.33
CA LEU A 233 5.24 -15.52 2.46
C LEU A 233 5.56 -14.07 2.81
N THR A 234 5.11 -13.62 3.98
CA THR A 234 5.12 -12.21 4.33
C THR A 234 6.36 -11.86 5.13
N PHE A 235 7.02 -10.76 4.75
CA PHE A 235 8.10 -10.16 5.51
C PHE A 235 7.57 -8.99 6.35
N GLY A 236 8.17 -8.78 7.52
CA GLY A 236 7.93 -7.56 8.26
C GLY A 236 8.56 -6.39 7.55
N CYS A 237 8.23 -5.18 8.05
CA CYS A 237 8.78 -3.94 7.51
C CYS A 237 10.25 -3.77 7.84
N GLY A 238 10.78 -4.54 8.77
CA GLY A 238 12.18 -4.40 9.08
C GLY A 238 12.43 -3.51 10.29
N THR A 239 13.47 -3.84 11.04
CA THR A 239 14.00 -2.99 12.09
C THR A 239 15.42 -2.60 11.71
N LYS A 240 15.71 -1.31 11.71
CA LYS A 240 17.07 -0.85 11.50
C LYS A 240 17.73 -0.62 12.85
N VAL A 241 18.87 -1.28 13.04
CA VAL A 241 19.69 -1.18 14.24
C VAL A 241 20.88 -0.30 13.87
N GLU A 242 20.90 0.92 14.39
CA GLU A 242 21.94 1.89 14.08
C GLU A 242 22.63 2.37 15.35
N ILE A 243 23.79 3.01 15.17
CA ILE A 243 24.59 3.47 16.31
C ILE A 243 24.01 4.78 16.84
N LYS A 244 24.13 4.98 18.16
CA LYS A 244 23.64 6.19 18.80
C LYS A 244 24.75 7.22 18.98
N GLU B 1 -31.81 13.38 8.79
CA GLU B 1 -31.14 12.15 9.16
C GLU B 1 -29.70 12.43 9.59
N VAL B 2 -28.75 11.69 9.01
CA VAL B 2 -27.35 12.06 9.14
C VAL B 2 -27.09 13.40 8.47
N GLN B 3 -26.44 14.31 9.18
CA GLN B 3 -26.12 15.63 8.67
C GLN B 3 -24.70 16.01 9.09
N LEU B 4 -23.94 16.59 8.18
CA LEU B 4 -22.61 17.11 8.45
C LEU B 4 -22.53 18.53 7.89
N LEU B 5 -22.18 19.50 8.73
CA LEU B 5 -22.19 20.90 8.32
C LEU B 5 -20.80 21.50 8.54
N GLU B 6 -20.10 21.78 7.44
CA GLU B 6 -18.78 22.40 7.50
C GLU B 6 -18.92 23.92 7.63
N SER B 7 -17.93 24.53 8.25
CA SER B 7 -17.87 25.98 8.32
C SER B 7 -16.42 26.39 8.50
N GLY B 8 -16.10 27.61 8.08
CA GLY B 8 -14.82 28.22 8.36
C GLY B 8 -13.99 28.56 7.15
N GLY B 9 -14.40 28.19 5.94
CA GLY B 9 -13.65 28.56 4.77
C GLY B 9 -13.60 30.06 4.55
N GLY B 10 -12.89 30.47 3.53
CA GLY B 10 -12.81 31.88 3.21
C GLY B 10 -11.45 32.17 2.62
N LEU B 11 -11.18 33.47 2.48
CA LEU B 11 -9.93 33.94 1.91
C LEU B 11 -8.88 34.10 3.00
N VAL B 12 -7.69 33.58 2.76
CA VAL B 12 -6.61 33.63 3.73
C VAL B 12 -5.32 33.88 2.95
N GLN B 13 -4.45 34.53 3.54
CA GLN B 13 -3.18 34.85 2.92
C GLN B 13 -2.17 33.72 3.15
N PRO B 14 -1.27 33.49 2.19
CA PRO B 14 -0.24 32.44 2.38
C PRO B 14 0.49 32.67 3.69
N GLY B 15 0.68 31.59 4.43
CA GLY B 15 1.26 31.68 5.74
C GLY B 15 0.27 31.90 6.84
N GLY B 16 -0.98 32.22 6.53
CA GLY B 16 -2.01 32.41 7.53
C GLY B 16 -2.61 31.10 8.02
N SER B 17 -3.57 31.22 8.94
CA SER B 17 -4.18 30.09 9.62
C SER B 17 -5.69 30.09 9.44
N LEU B 18 -6.26 28.88 9.42
CA LEU B 18 -7.71 28.69 9.39
C LEU B 18 -8.03 27.48 10.24
N ARG B 19 -9.21 27.49 10.85
CA ARG B 19 -9.70 26.35 11.62
C ARG B 19 -11.07 25.98 11.06
N LEU B 20 -11.15 24.85 10.34
CA LEU B 20 -12.43 24.42 9.81
C LEU B 20 -13.18 23.65 10.88
N SER B 21 -14.52 23.70 10.81
CA SER B 21 -15.34 22.93 11.72
C SER B 21 -16.35 22.13 10.94
N CYS B 22 -16.79 21.03 11.55
CA CYS B 22 -17.82 20.19 10.96
C CYS B 22 -18.69 19.73 12.11
N ALA B 23 -19.94 20.20 12.14
CA ALA B 23 -20.87 19.85 13.20
C ALA B 23 -21.68 18.65 12.75
N ALA B 24 -21.64 17.56 13.52
CA ALA B 24 -22.30 16.32 13.14
C ALA B 24 -23.61 16.16 13.91
N SER B 25 -24.60 15.55 13.28
CA SER B 25 -25.81 15.20 14.00
C SER B 25 -26.49 14.04 13.29
N GLY B 26 -27.35 13.35 14.04
CA GLY B 26 -28.13 12.28 13.47
C GLY B 26 -27.49 10.91 13.52
N PHE B 27 -26.44 10.73 14.31
CA PHE B 27 -25.76 9.44 14.48
C PHE B 27 -24.81 9.57 15.66
N THR B 28 -24.37 8.43 16.18
CA THR B 28 -23.51 8.40 17.36
C THR B 28 -22.08 8.77 16.95
N PHE B 29 -21.69 10.01 17.28
CA PHE B 29 -20.46 10.61 16.75
C PHE B 29 -19.22 9.80 17.12
N SER B 30 -19.08 9.46 18.39
CA SER B 30 -17.87 8.81 18.86
C SER B 30 -17.74 7.36 18.39
N SER B 31 -18.72 6.81 17.69
CA SER B 31 -18.64 5.44 17.20
C SER B 31 -18.05 5.34 15.80
N TYR B 32 -17.49 6.41 15.25
CA TYR B 32 -16.99 6.42 13.88
C TYR B 32 -15.73 7.27 13.78
N ALA B 33 -14.76 6.78 13.03
CA ALA B 33 -13.68 7.65 12.58
C ALA B 33 -14.23 8.71 11.62
N MET B 34 -13.52 9.83 11.52
CA MET B 34 -13.90 10.90 10.62
C MET B 34 -12.69 11.27 9.77
N SER B 35 -12.96 11.75 8.57
CA SER B 35 -11.91 12.14 7.64
C SER B 35 -12.21 13.52 7.04
N TRP B 36 -11.16 14.25 6.67
CA TRP B 36 -11.28 15.40 5.78
C TRP B 36 -10.76 15.04 4.40
N VAL B 37 -11.49 15.46 3.36
CA VAL B 37 -11.14 15.23 1.97
C VAL B 37 -11.33 16.56 1.25
N ARG B 38 -10.38 16.91 0.40
CA ARG B 38 -10.41 18.19 -0.30
C ARG B 38 -10.36 18.00 -1.81
N GLN B 39 -10.77 19.05 -2.53
CA GLN B 39 -10.82 19.04 -3.99
C GLN B 39 -10.44 20.42 -4.51
N ALA B 40 -9.21 20.53 -5.01
CA ALA B 40 -8.74 21.77 -5.61
C ALA B 40 -9.55 22.10 -6.87
N PRO B 41 -9.55 23.39 -7.28
CA PRO B 41 -10.29 23.77 -8.49
C PRO B 41 -10.02 22.88 -9.72
N GLY B 42 -11.09 22.32 -10.26
CA GLY B 42 -10.97 21.49 -11.45
C GLY B 42 -10.13 20.25 -11.29
N CYS B 43 -9.94 19.76 -10.06
CA CYS B 43 -9.14 18.55 -9.83
C CYS B 43 -10.00 17.44 -9.24
N GLY B 44 -9.34 16.33 -8.91
CA GLY B 44 -9.99 15.20 -8.27
C GLY B 44 -9.88 15.30 -6.76
N LEU B 45 -10.34 14.24 -6.11
CA LEU B 45 -10.41 14.19 -4.66
C LEU B 45 -9.07 13.80 -4.06
N GLU B 46 -8.68 14.47 -2.98
CA GLU B 46 -7.43 14.20 -2.29
C GLU B 46 -7.72 14.04 -0.81
N TRP B 47 -7.42 12.86 -0.27
CA TRP B 47 -7.58 12.62 1.16
C TRP B 47 -6.58 13.46 1.94
N VAL B 48 -7.05 14.11 3.00
CA VAL B 48 -6.25 15.03 3.80
C VAL B 48 -5.86 14.42 5.13
N SER B 49 -6.85 13.98 5.90
CA SER B 49 -6.58 13.62 7.28
C SER B 49 -7.70 12.75 7.83
N ALA B 50 -7.37 11.94 8.85
CA ALA B 50 -8.37 11.11 9.53
C ALA B 50 -8.09 11.06 11.03
N ILE B 51 -9.14 10.85 11.80
CA ILE B 51 -9.01 10.72 13.25
C ILE B 51 -9.90 9.58 13.73
N SER B 52 -9.39 8.79 14.66
CA SER B 52 -10.16 7.68 15.22
C SER B 52 -11.38 8.18 15.99
N GLY B 53 -12.33 7.27 16.22
CA GLY B 53 -13.56 7.63 16.91
C GLY B 53 -13.32 8.26 18.27
N SER B 54 -12.27 7.83 18.96
CA SER B 54 -11.99 8.40 20.27
C SER B 54 -11.18 9.67 20.16
N GLY B 55 -10.43 9.84 19.06
CA GLY B 55 -9.48 10.93 18.95
C GLY B 55 -8.06 10.58 19.31
N GLY B 56 -7.79 9.35 19.78
CA GLY B 56 -6.45 8.99 20.20
C GLY B 56 -5.46 8.76 19.06
N SER B 57 -5.94 8.45 17.86
CA SER B 57 -5.08 8.22 16.70
C SER B 57 -5.45 9.17 15.57
N THR B 58 -4.44 9.75 14.93
CA THR B 58 -4.63 10.69 13.83
C THR B 58 -3.70 10.34 12.68
N TYR B 59 -4.13 10.64 11.46
CA TYR B 59 -3.34 10.36 10.26
C TYR B 59 -3.41 11.54 9.30
N TYR B 60 -2.33 11.74 8.54
CA TYR B 60 -2.24 12.89 7.64
C TYR B 60 -1.57 12.52 6.34
N ALA B 61 -2.06 13.08 5.24
CA ALA B 61 -1.31 13.02 4.00
C ALA B 61 0.02 13.76 4.17
N ASP B 62 1.03 13.30 3.43
CA ASP B 62 2.37 13.89 3.55
C ASP B 62 2.42 15.38 3.19
N SER B 63 1.50 15.87 2.36
CA SER B 63 1.55 17.26 1.95
C SER B 63 1.10 18.23 3.05
N VAL B 64 0.45 17.75 4.10
CA VAL B 64 -0.05 18.61 5.17
C VAL B 64 0.51 18.25 6.54
N LYS B 65 1.39 17.25 6.64
CA LYS B 65 1.98 16.90 7.93
C LYS B 65 2.68 18.09 8.54
N GLY B 66 2.52 18.24 9.86
CA GLY B 66 3.17 19.29 10.60
C GLY B 66 2.54 20.66 10.47
N ARG B 67 1.72 20.88 9.44
CA ARG B 67 0.98 22.13 9.28
C ARG B 67 -0.48 22.00 9.71
N PHE B 68 -1.09 20.85 9.46
CA PHE B 68 -2.50 20.64 9.78
C PHE B 68 -2.64 19.77 11.02
N THR B 69 -3.68 20.05 11.82
CA THR B 69 -4.00 19.24 13.00
C THR B 69 -5.47 18.87 12.96
N ILE B 70 -5.77 17.58 12.95
CA ILE B 70 -7.14 17.14 13.03
C ILE B 70 -7.46 16.87 14.50
N SER B 71 -8.68 17.20 14.90
CA SER B 71 -9.10 16.94 16.27
C SER B 71 -10.62 16.82 16.29
N ARG B 72 -11.14 16.37 17.43
CA ARG B 72 -12.58 16.19 17.55
C ARG B 72 -12.99 16.44 19.01
N ASP B 73 -14.22 16.88 19.18
CA ASP B 73 -14.83 17.02 20.50
C ASP B 73 -16.04 16.10 20.52
N ASN B 74 -15.90 14.94 21.18
CA ASN B 74 -17.01 14.00 21.21
C ASN B 74 -18.14 14.48 22.11
N SER B 75 -17.88 15.39 23.06
CA SER B 75 -19.00 15.89 23.86
C SER B 75 -19.85 16.88 23.07
N LYS B 76 -19.24 17.63 22.15
CA LYS B 76 -19.96 18.57 21.32
C LYS B 76 -20.30 18.02 19.92
N ASN B 77 -19.88 16.81 19.56
CA ASN B 77 -20.20 16.28 18.23
C ASN B 77 -19.63 17.17 17.12
N THR B 78 -18.36 17.53 17.26
CA THR B 78 -17.75 18.48 16.32
C THR B 78 -16.38 17.98 15.90
N LEU B 79 -16.07 18.16 14.62
CA LEU B 79 -14.79 17.83 14.01
C LEU B 79 -14.06 19.10 13.58
N TYR B 80 -12.75 19.14 13.80
CA TYR B 80 -11.93 20.31 13.50
C TYR B 80 -10.76 19.96 12.58
N LEU B 81 -10.37 20.95 11.77
CA LEU B 81 -9.10 20.93 11.06
C LEU B 81 -8.41 22.27 11.29
N GLN B 82 -7.35 22.27 12.06
CA GLN B 82 -6.52 23.45 12.24
C GLN B 82 -5.45 23.46 11.15
N MET B 83 -5.44 24.50 10.33
CA MET B 83 -4.54 24.60 9.19
C MET B 83 -3.61 25.78 9.42
N ASN B 84 -2.35 25.49 9.69
CA ASN B 84 -1.36 26.55 9.88
C ASN B 84 -0.48 26.64 8.65
N SER B 85 0.19 27.77 8.52
CA SER B 85 1.15 28.04 7.46
C SER B 85 0.58 27.59 6.11
N LEU B 86 -0.60 28.09 5.79
CA LEU B 86 -1.29 27.69 4.58
C LEU B 86 -0.50 28.11 3.32
N ARG B 87 -0.61 27.29 2.29
CA ARG B 87 0.03 27.52 1.00
C ARG B 87 -1.03 27.67 -0.09
N ALA B 88 -0.67 28.37 -1.18
CA ALA B 88 -1.60 28.51 -2.30
C ALA B 88 -2.11 27.15 -2.77
N GLU B 89 -1.25 26.14 -2.74
CA GLU B 89 -1.64 24.79 -3.13
C GLU B 89 -2.62 24.13 -2.16
N ASP B 90 -2.96 24.76 -1.03
CA ASP B 90 -4.00 24.26 -0.15
C ASP B 90 -5.40 24.75 -0.57
N THR B 91 -5.49 25.59 -1.61
CA THR B 91 -6.78 26.06 -2.10
C THR B 91 -7.63 24.90 -2.58
N ALA B 92 -8.87 24.83 -2.09
CA ALA B 92 -9.70 23.67 -2.35
C ALA B 92 -11.05 23.85 -1.66
N VAL B 93 -12.00 23.04 -2.07
CA VAL B 93 -13.20 22.80 -1.27
C VAL B 93 -12.85 21.68 -0.29
N TYR B 94 -13.21 21.86 0.98
CA TYR B 94 -12.90 20.89 2.01
C TYR B 94 -14.18 20.21 2.47
N TYR B 95 -14.18 18.88 2.43
CA TYR B 95 -15.32 18.06 2.85
C TYR B 95 -14.95 17.27 4.08
N CYS B 96 -15.86 17.22 5.06
CA CYS B 96 -15.73 16.27 6.14
C CYS B 96 -16.57 15.06 5.81
N ALA B 97 -16.09 13.88 6.19
CA ALA B 97 -16.77 12.64 5.82
C ALA B 97 -16.71 11.63 6.95
N LYS B 98 -17.82 10.91 7.14
CA LYS B 98 -17.95 9.84 8.13
C LYS B 98 -17.32 8.55 7.61
N TYR B 99 -16.52 7.90 8.44
CA TYR B 99 -15.79 6.71 8.05
C TYR B 99 -16.35 5.51 8.81
N ASP B 100 -16.60 4.40 8.11
CA ASP B 100 -17.15 3.22 8.76
C ASP B 100 -16.04 2.21 9.10
N GLY B 101 -16.03 1.73 10.34
CA GLY B 101 -14.89 0.96 10.84
C GLY B 101 -14.71 -0.42 10.22
N ILE B 102 -15.77 -1.00 9.65
CA ILE B 102 -15.67 -2.37 9.15
C ILE B 102 -15.11 -2.40 7.73
N TYR B 103 -15.75 -1.67 6.82
CA TYR B 103 -15.34 -1.69 5.42
C TYR B 103 -14.64 -0.43 4.98
N GLY B 104 -14.72 0.66 5.76
CA GLY B 104 -13.94 1.83 5.45
C GLY B 104 -14.54 2.77 4.43
N GLU B 105 -15.80 2.60 4.07
CA GLU B 105 -16.40 3.53 3.14
C GLU B 105 -16.71 4.87 3.81
N LEU B 106 -16.60 5.94 3.04
CA LEU B 106 -17.01 7.26 3.51
C LEU B 106 -18.45 7.42 3.07
N ASP B 107 -19.37 7.03 3.95
CA ASP B 107 -20.77 6.90 3.55
C ASP B 107 -21.57 8.19 3.64
N PHE B 108 -21.12 9.18 4.41
CA PHE B 108 -21.80 10.47 4.43
C PHE B 108 -20.79 11.61 4.43
N TRP B 109 -21.06 12.61 3.59
CA TRP B 109 -20.22 13.77 3.34
C TRP B 109 -21.00 15.03 3.68
N GLY B 110 -20.27 16.05 4.12
CA GLY B 110 -20.84 17.38 4.22
C GLY B 110 -20.97 18.00 2.83
N GLN B 111 -21.30 19.29 2.83
CA GLN B 111 -21.51 19.99 1.57
C GLN B 111 -20.26 20.74 1.12
N GLY B 112 -19.22 20.78 1.92
CA GLY B 112 -17.97 21.41 1.54
C GLY B 112 -17.91 22.88 1.93
N THR B 113 -16.70 23.34 2.20
CA THR B 113 -16.46 24.76 2.41
C THR B 113 -15.23 25.15 1.61
N LEU B 114 -15.26 26.34 1.00
CA LEU B 114 -14.19 26.73 0.10
C LEU B 114 -13.13 27.50 0.86
N VAL B 115 -11.88 27.06 0.72
CA VAL B 115 -10.72 27.72 1.29
C VAL B 115 -9.88 28.25 0.15
N THR B 116 -9.69 29.58 0.09
CA THR B 116 -8.90 30.24 -0.97
C THR B 116 -7.66 30.83 -0.32
N VAL B 117 -6.49 30.30 -0.66
CA VAL B 117 -5.21 30.81 -0.15
C VAL B 117 -4.58 31.61 -1.28
N SER B 118 -4.60 32.93 -1.15
CA SER B 118 -4.15 33.76 -2.26
C SER B 118 -3.75 35.13 -1.75
N SER B 119 -2.69 35.67 -2.34
CA SER B 119 -2.22 37.01 -2.02
C SER B 119 -2.44 37.99 -3.16
N GLY B 120 -3.25 37.63 -4.16
CA GLY B 120 -3.54 38.51 -5.26
C GLY B 120 -2.52 38.51 -6.38
N GLY B 121 -1.48 37.67 -6.31
CA GLY B 121 -0.46 37.72 -7.32
C GLY B 121 -0.62 36.67 -8.41
N GLY B 122 -1.85 36.34 -8.74
CA GLY B 122 -2.05 35.30 -9.73
C GLY B 122 -2.46 33.98 -9.10
N SER B 123 -3.25 33.21 -9.84
CA SER B 123 -3.82 31.96 -9.34
C SER B 123 -2.96 30.74 -9.67
N GLY B 124 -1.76 30.94 -10.23
CA GLY B 124 -0.93 29.83 -10.64
C GLY B 124 -0.13 29.15 -9.55
N GLY B 125 0.16 29.84 -8.45
CA GLY B 125 1.02 29.29 -7.41
C GLY B 125 0.60 27.92 -6.88
N SER B 126 -0.68 27.59 -7.04
CA SER B 126 -1.23 26.32 -6.59
C SER B 126 -0.57 25.12 -7.26
N GLY B 127 0.18 25.32 -8.33
CA GLY B 127 0.67 24.16 -9.01
C GLY B 127 -0.47 23.51 -9.77
N GLY B 128 -0.29 22.23 -10.06
CA GLY B 128 -1.32 21.48 -10.74
C GLY B 128 -2.18 20.73 -9.75
N CYS B 129 -2.86 19.73 -10.27
CA CYS B 129 -3.61 18.86 -9.40
C CYS B 129 -2.61 17.97 -8.65
N PRO B 130 -2.92 17.57 -7.43
CA PRO B 130 -2.07 16.62 -6.74
C PRO B 130 -1.98 15.33 -7.53
N PRO B 131 -0.97 14.51 -7.29
CA PRO B 131 -0.94 13.22 -7.97
C PRO B 131 -2.11 12.35 -7.54
N CYS B 132 -3.02 12.14 -8.47
CA CYS B 132 -4.13 11.24 -8.20
C CYS B 132 -3.64 9.80 -8.38
N GLY B 133 -4.29 8.88 -7.67
CA GLY B 133 -3.87 7.50 -7.77
C GLY B 133 -2.71 7.14 -6.88
N GLY B 134 -2.28 8.07 -6.01
CA GLY B 134 -1.19 7.83 -5.06
C GLY B 134 0.01 8.74 -5.29
N GLY B 136 3.43 8.86 -3.20
CA GLY B 136 4.64 8.30 -2.59
C GLY B 136 4.36 7.38 -1.43
N GLY B 137 4.76 6.11 -1.55
CA GLY B 137 4.50 5.16 -0.49
C GLY B 137 3.06 4.72 -0.39
N ASP B 138 2.18 5.30 -1.21
CA ASP B 138 0.76 5.01 -1.17
C ASP B 138 0.46 3.71 -1.89
N ILE B 139 -0.66 3.09 -1.53
CA ILE B 139 -1.28 2.13 -2.42
C ILE B 139 -1.73 2.90 -3.66
N GLN B 140 -1.22 2.49 -4.82
CA GLN B 140 -1.53 3.15 -6.08
C GLN B 140 -2.92 2.74 -6.56
N MET B 141 -3.70 3.72 -7.02
CA MET B 141 -5.01 3.46 -7.61
C MET B 141 -4.97 3.87 -9.07
N THR B 142 -5.05 2.88 -9.97
CA THR B 142 -5.01 3.13 -11.40
C THR B 142 -6.42 3.00 -11.93
N GLN B 143 -7.01 4.12 -12.36
CA GLN B 143 -8.39 4.20 -12.79
C GLN B 143 -8.47 4.41 -14.29
N SER B 144 -9.36 3.67 -14.96
CA SER B 144 -9.39 3.78 -16.40
C SER B 144 -10.80 3.55 -16.93
N PRO B 145 -11.23 4.27 -17.97
CA PRO B 145 -10.47 5.31 -18.66
C PRO B 145 -10.59 6.64 -17.95
N SER B 146 -9.79 7.64 -18.35
CA SER B 146 -9.91 8.95 -17.74
C SER B 146 -11.19 9.65 -18.18
N SER B 147 -11.59 9.46 -19.44
CA SER B 147 -12.88 9.96 -19.92
C SER B 147 -13.40 9.00 -20.98
N LEU B 148 -14.71 9.02 -21.16
CA LEU B 148 -15.33 8.17 -22.18
C LEU B 148 -16.61 8.83 -22.64
N SER B 149 -16.94 8.58 -23.90
CA SER B 149 -18.19 9.06 -24.49
C SER B 149 -19.09 7.87 -24.78
N ALA B 150 -20.34 7.95 -24.31
CA ALA B 150 -21.33 6.91 -24.52
C ALA B 150 -22.69 7.57 -24.71
N SER B 151 -23.71 6.76 -24.97
CA SER B 151 -25.05 7.26 -25.24
C SER B 151 -26.00 6.78 -24.17
N VAL B 152 -27.13 7.47 -24.09
CA VAL B 152 -28.16 7.09 -23.14
C VAL B 152 -28.57 5.65 -23.37
N GLY B 153 -28.61 4.87 -22.30
CA GLY B 153 -29.10 3.53 -22.32
C GLY B 153 -28.04 2.46 -22.47
N ASP B 154 -26.85 2.77 -23.00
CA ASP B 154 -25.89 1.70 -23.14
C ASP B 154 -25.12 1.45 -21.84
N ARG B 155 -24.43 0.31 -21.80
CA ARG B 155 -23.68 -0.13 -20.64
C ARG B 155 -22.25 0.38 -20.66
N VAL B 156 -21.85 0.98 -19.54
CA VAL B 156 -20.52 1.56 -19.39
C VAL B 156 -19.82 0.89 -18.22
N THR B 157 -18.53 0.60 -18.40
CA THR B 157 -17.71 -0.06 -17.40
C THR B 157 -16.48 0.79 -17.11
N ILE B 158 -16.23 1.05 -15.83
CA ILE B 158 -15.07 1.80 -15.36
C ILE B 158 -14.21 0.83 -14.56
N THR B 159 -12.89 0.86 -14.78
CA THR B 159 -12.03 -0.08 -14.09
C THR B 159 -10.99 0.65 -13.25
N CYS B 160 -10.49 -0.08 -12.26
CA CYS B 160 -9.61 0.49 -11.26
C CYS B 160 -8.72 -0.63 -10.73
N ARG B 161 -7.42 -0.42 -10.71
CA ARG B 161 -6.50 -1.45 -10.24
C ARG B 161 -5.59 -0.89 -9.15
N ALA B 162 -5.53 -1.59 -8.02
CA ALA B 162 -4.62 -1.21 -6.95
C ALA B 162 -3.27 -1.91 -7.14
N SER B 163 -2.20 -1.25 -6.68
CA SER B 163 -0.86 -1.80 -6.84
C SER B 163 -0.58 -2.95 -5.88
N GLN B 164 -1.27 -3.02 -4.74
CA GLN B 164 -1.21 -4.18 -3.87
C GLN B 164 -2.62 -4.62 -3.55
N SER B 165 -2.78 -5.90 -3.25
CA SER B 165 -4.10 -6.42 -2.93
C SER B 165 -4.73 -5.62 -1.78
N ILE B 166 -6.01 -5.25 -1.94
CA ILE B 166 -6.76 -4.55 -0.91
C ILE B 166 -8.01 -5.32 -0.53
N SER B 167 -8.03 -6.63 -0.82
CA SER B 167 -9.21 -7.46 -0.63
C SER B 167 -10.40 -6.79 -1.28
N SER B 168 -11.46 -6.55 -0.53
CA SER B 168 -12.63 -5.90 -1.07
C SER B 168 -12.81 -4.47 -0.58
N TYR B 169 -11.78 -3.87 0.04
CA TYR B 169 -11.88 -2.54 0.62
C TYR B 169 -11.70 -1.48 -0.47
N LEU B 170 -12.70 -1.41 -1.35
CA LEU B 170 -12.69 -0.52 -2.49
C LEU B 170 -14.05 0.13 -2.60
N ASN B 171 -14.08 1.45 -2.76
CA ASN B 171 -15.32 2.21 -2.84
C ASN B 171 -15.38 3.00 -4.15
N TRP B 172 -16.60 3.23 -4.64
CA TRP B 172 -16.85 4.06 -5.80
C TRP B 172 -17.75 5.24 -5.42
N TYR B 173 -17.41 6.43 -5.91
CA TYR B 173 -18.20 7.63 -5.66
C TYR B 173 -18.60 8.28 -6.97
N GLN B 174 -19.78 8.88 -6.96
CA GLN B 174 -20.28 9.70 -8.06
C GLN B 174 -20.17 11.16 -7.68
N GLN B 175 -19.72 11.99 -8.62
CA GLN B 175 -19.69 13.43 -8.38
C GLN B 175 -20.24 14.19 -9.57
N LYS B 176 -21.29 14.94 -9.34
CA LYS B 176 -21.85 15.86 -10.30
C LYS B 176 -21.27 17.26 -10.08
N PRO B 177 -21.26 18.10 -11.11
CA PRO B 177 -20.61 19.41 -11.00
C PRO B 177 -21.20 20.27 -9.89
N GLY B 178 -20.31 20.86 -9.08
CA GLY B 178 -20.70 21.74 -7.99
C GLY B 178 -21.28 21.04 -6.77
N LYS B 179 -21.25 19.72 -6.72
CA LYS B 179 -21.85 18.95 -5.64
C LYS B 179 -20.78 18.12 -4.93
N ALA B 180 -21.08 17.75 -3.68
CA ALA B 180 -20.20 16.88 -2.93
C ALA B 180 -20.30 15.45 -3.45
N PRO B 181 -19.22 14.66 -3.32
CA PRO B 181 -19.28 13.26 -3.77
C PRO B 181 -20.34 12.47 -3.01
N LYS B 182 -20.73 11.34 -3.60
CA LYS B 182 -21.80 10.51 -3.07
C LYS B 182 -21.33 9.06 -3.15
N LEU B 183 -21.44 8.32 -2.06
CA LEU B 183 -21.01 6.93 -2.07
C LEU B 183 -21.98 6.10 -2.91
N LEU B 184 -21.44 5.36 -3.88
CA LEU B 184 -22.19 4.43 -4.72
C LEU B 184 -22.04 2.99 -4.26
N ILE B 185 -20.80 2.53 -4.15
CA ILE B 185 -20.50 1.13 -3.89
C ILE B 185 -19.42 1.11 -2.82
N TYR B 186 -19.58 0.22 -1.84
CA TYR B 186 -18.55 -0.05 -0.86
C TYR B 186 -18.33 -1.55 -0.78
N ALA B 187 -17.18 -1.93 -0.24
CA ALA B 187 -16.78 -3.33 -0.12
C ALA B 187 -16.80 -4.01 -1.49
N ALA B 188 -16.32 -3.28 -2.51
CA ALA B 188 -16.15 -3.75 -3.89
C ALA B 188 -17.47 -3.98 -4.61
N SER B 189 -18.48 -4.51 -3.92
CA SER B 189 -19.69 -4.93 -4.59
C SER B 189 -20.99 -4.62 -3.87
N SER B 190 -20.96 -4.05 -2.66
CA SER B 190 -22.19 -3.77 -1.94
C SER B 190 -22.75 -2.42 -2.39
N LEU B 191 -24.03 -2.42 -2.76
CA LEU B 191 -24.73 -1.19 -3.12
C LEU B 191 -25.11 -0.41 -1.87
N GLN B 192 -24.85 0.89 -1.91
CA GLN B 192 -25.28 1.74 -0.81
C GLN B 192 -26.81 1.90 -0.87
N SER B 193 -27.41 1.98 0.32
CA SER B 193 -28.86 2.17 0.39
C SER B 193 -29.28 3.42 -0.37
N GLY B 194 -30.29 3.28 -1.23
CA GLY B 194 -30.79 4.37 -2.02
C GLY B 194 -30.15 4.54 -3.38
N VAL B 195 -29.12 3.76 -3.69
CA VAL B 195 -28.41 3.90 -4.96
C VAL B 195 -29.12 3.02 -5.99
N PRO B 196 -29.42 3.53 -7.19
CA PRO B 196 -30.17 2.72 -8.17
C PRO B 196 -29.48 1.40 -8.49
N SER B 197 -30.30 0.40 -8.82
CA SER B 197 -29.83 -0.95 -9.12
C SER B 197 -29.10 -1.06 -10.46
N ARG B 198 -29.09 -0.01 -11.28
CA ARG B 198 -28.29 -0.06 -12.50
C ARG B 198 -26.80 0.09 -12.21
N PHE B 199 -26.42 0.48 -11.01
CA PHE B 199 -25.03 0.48 -10.58
C PHE B 199 -24.67 -0.86 -9.97
N SER B 200 -23.52 -1.41 -10.36
CA SER B 200 -22.99 -2.61 -9.74
C SER B 200 -21.48 -2.52 -9.75
N GLY B 201 -20.85 -3.28 -8.86
CA GLY B 201 -19.41 -3.37 -8.82
C GLY B 201 -18.99 -4.80 -8.59
N SER B 202 -17.75 -5.09 -8.96
CA SER B 202 -17.19 -6.41 -8.78
C SER B 202 -15.69 -6.29 -8.65
N GLY B 203 -15.08 -7.37 -8.18
CA GLY B 203 -13.64 -7.44 -8.07
C GLY B 203 -13.24 -7.84 -6.69
N SER B 204 -12.02 -8.34 -6.56
CA SER B 204 -11.41 -8.58 -5.25
C SER B 204 -9.92 -8.62 -5.47
N GLY B 205 -9.17 -8.30 -4.42
CA GLY B 205 -7.74 -8.33 -4.58
C GLY B 205 -7.22 -7.04 -5.17
N THR B 206 -6.91 -7.09 -6.46
CA THR B 206 -6.26 -5.99 -7.15
C THR B 206 -7.09 -5.34 -8.25
N ASP B 207 -8.16 -5.99 -8.71
CA ASP B 207 -8.85 -5.56 -9.91
C ASP B 207 -10.32 -5.28 -9.63
N PHE B 208 -10.79 -4.12 -10.05
CA PHE B 208 -12.14 -3.74 -9.70
C PHE B 208 -12.80 -3.04 -10.87
N THR B 209 -14.11 -3.23 -10.97
CA THR B 209 -14.87 -2.61 -12.04
C THR B 209 -16.16 -2.06 -11.46
N LEU B 210 -16.56 -0.91 -11.98
CA LEU B 210 -17.87 -0.32 -11.75
C LEU B 210 -18.63 -0.35 -13.06
N THR B 211 -19.85 -0.86 -13.02
CA THR B 211 -20.67 -0.94 -14.23
C THR B 211 -21.98 -0.20 -13.99
N ILE B 212 -22.36 0.60 -14.97
CA ILE B 212 -23.68 1.19 -15.05
C ILE B 212 -24.40 0.46 -16.19
N SER B 213 -25.34 -0.42 -15.83
CA SER B 213 -25.89 -1.35 -16.81
C SER B 213 -26.61 -0.63 -17.94
N SER B 214 -27.21 0.51 -17.66
CA SER B 214 -27.86 1.31 -18.70
C SER B 214 -27.80 2.78 -18.30
N LEU B 215 -27.08 3.56 -19.09
CA LEU B 215 -26.79 4.94 -18.76
C LEU B 215 -28.06 5.79 -18.80
N GLN B 216 -28.35 6.50 -17.71
CA GLN B 216 -29.45 7.44 -17.69
C GLN B 216 -28.92 8.86 -17.83
N PRO B 217 -29.77 9.83 -18.17
CA PRO B 217 -29.25 11.19 -18.36
C PRO B 217 -28.61 11.79 -17.10
N GLU B 218 -29.11 11.47 -15.90
CA GLU B 218 -28.52 12.01 -14.68
C GLU B 218 -27.21 11.36 -14.32
N ASP B 219 -26.79 10.32 -15.03
CA ASP B 219 -25.58 9.59 -14.67
C ASP B 219 -24.32 10.15 -15.30
N PHE B 220 -24.44 11.12 -16.20
CA PHE B 220 -23.25 11.77 -16.77
C PHE B 220 -22.62 12.65 -15.70
N ALA B 221 -21.43 12.26 -15.25
CA ALA B 221 -20.79 12.81 -14.07
C ALA B 221 -19.35 12.28 -14.04
N THR B 222 -18.65 12.55 -12.94
CA THR B 222 -17.33 12.00 -12.70
C THR B 222 -17.43 10.93 -11.63
N TYR B 223 -16.71 9.81 -11.84
CA TYR B 223 -16.72 8.66 -10.93
C TYR B 223 -15.31 8.44 -10.39
N TYR B 224 -15.20 8.18 -9.09
CA TYR B 224 -13.92 7.94 -8.44
C TYR B 224 -13.93 6.63 -7.69
N CYS B 225 -12.87 5.84 -7.83
CA CYS B 225 -12.65 4.72 -6.92
C CYS B 225 -11.76 5.18 -5.79
N GLN B 226 -11.75 4.40 -4.71
CA GLN B 226 -10.97 4.76 -3.52
C GLN B 226 -10.71 3.52 -2.70
N GLN B 227 -9.45 3.28 -2.35
CA GLN B 227 -9.13 2.18 -1.46
C GLN B 227 -9.22 2.67 -0.02
N SER B 228 -9.82 1.86 0.84
CA SER B 228 -9.85 2.13 2.27
C SER B 228 -9.17 1.00 3.04
N TYR B 229 -8.24 0.32 2.38
CA TYR B 229 -7.44 -0.72 3.02
C TYR B 229 -6.50 -0.11 4.05
N SER B 230 -5.80 0.95 3.67
CA SER B 230 -4.79 1.51 4.53
C SER B 230 -4.64 2.99 4.23
N THR B 231 -4.37 3.74 5.31
CA THR B 231 -4.05 5.16 5.22
C THR B 231 -2.68 5.35 4.57
N PRO B 232 -2.50 6.38 3.74
CA PRO B 232 -3.44 7.41 3.24
C PRO B 232 -4.49 6.84 2.30
N LEU B 233 -5.75 7.23 2.47
CA LEU B 233 -6.80 6.69 1.63
C LEU B 233 -6.70 7.33 0.25
N THR B 234 -6.43 6.52 -0.76
CA THR B 234 -6.13 7.05 -2.09
C THR B 234 -7.38 7.02 -2.95
N PHE B 235 -7.66 8.12 -3.64
CA PHE B 235 -8.70 8.15 -4.66
C PHE B 235 -8.09 7.91 -6.04
N GLY B 236 -8.88 7.26 -6.90
CA GLY B 236 -8.50 7.17 -8.30
C GLY B 236 -8.56 8.56 -8.94
N CYS B 237 -8.02 8.65 -10.15
CA CYS B 237 -7.96 9.92 -10.86
C CYS B 237 -9.31 10.42 -11.34
N GLY B 238 -10.31 9.55 -11.38
CA GLY B 238 -11.62 9.95 -11.84
C GLY B 238 -11.84 9.60 -13.31
N THR B 239 -13.07 9.19 -13.63
CA THR B 239 -13.54 8.99 -14.99
C THR B 239 -14.71 9.94 -15.24
N LYS B 240 -14.63 10.73 -16.30
CA LYS B 240 -15.73 11.58 -16.70
C LYS B 240 -16.53 10.86 -17.78
N VAL B 241 -17.84 10.73 -17.55
CA VAL B 241 -18.74 10.07 -18.47
C VAL B 241 -19.51 11.13 -19.22
N GLU B 242 -19.25 11.26 -20.53
CA GLU B 242 -19.79 12.33 -21.34
C GLU B 242 -20.69 11.78 -22.45
N ILE B 243 -21.70 12.59 -22.81
CA ILE B 243 -22.70 12.17 -23.79
C ILE B 243 -22.09 12.19 -25.19
N LYS B 244 -22.51 11.22 -26.00
CA LYS B 244 -22.31 11.28 -27.45
C LYS B 244 -23.43 10.43 -28.07
#